data_7KB2
#
_entry.id   7KB2
#
_cell.length_a   52.587
_cell.length_b   56.354
_cell.length_c   106.123
_cell.angle_alpha   90.000
_cell.angle_beta   90.000
_cell.angle_gamma   90.000
#
_symmetry.space_group_name_H-M   'P 21 21 21'
#
loop_
_entity.id
_entity.type
_entity.pdbx_description
1 polymer 'ANK_REP_REGION domain-containing protein'
2 non-polymer 'PENTAETHYLENE GLYCOL'
3 non-polymer 'ACETATE ION'
4 non-polymer 1,2-ETHANEDIOL
5 water water
#
_entity_poly.entity_id   1
_entity_poly.type   'polypeptide(L)'
_entity_poly.pdbx_seq_one_letter_code
;SNAPDNYFSGQQLTLARAIENGEVDEVIKLASGTDLNKPGKED(MSE)TLLFWAV(MSE)NSINNQKTPERLNVIT
(MSE)LIKAGADPLQPRPQGKNSPAEFVL(MSE)ADNADWIKA(MSE)LNAGLSPNAVDKTFGKPIIFQTLEAKNTKTLQ
A(MSE)LDKGADINITDSLGNTLLIDALDFHSYDHVLLLLERGADPEI
;
_entity_poly.pdbx_strand_id   A,B
#
# COMPACT_ATOMS: atom_id res chain seq x y z
N SER A 1 29.24 -10.97 16.31
CA SER A 1 28.00 -10.62 17.05
C SER A 1 27.29 -9.47 16.33
N ASN A 2 26.05 -9.21 16.70
CA ASN A 2 25.17 -8.22 16.02
C ASN A 2 25.28 -6.86 16.72
N ALA A 3 25.53 -5.83 15.92
CA ALA A 3 25.86 -4.48 16.39
C ALA A 3 25.60 -3.53 15.24
N PRO A 4 25.55 -2.19 15.46
CA PRO A 4 25.42 -1.25 14.34
C PRO A 4 26.46 -1.48 13.24
N ASP A 5 27.62 -2.03 13.57
CA ASP A 5 28.69 -2.36 12.59
C ASP A 5 28.18 -3.33 11.52
N ASN A 6 27.11 -4.09 11.79
CA ASN A 6 26.42 -4.90 10.74
C ASN A 6 26.03 -4.00 9.57
N TYR A 7 25.68 -2.73 9.82
CA TYR A 7 25.06 -1.87 8.78
C TYR A 7 25.98 -0.73 8.32
N PHE A 8 26.78 -0.19 9.27
CA PHE A 8 27.46 1.10 9.10
C PHE A 8 28.95 0.91 9.32
N SER A 9 29.72 1.80 8.68
CA SER A 9 31.19 1.94 8.87
CA SER A 9 31.19 1.95 8.89
C SER A 9 31.51 3.44 8.97
N GLY A 10 32.74 3.77 9.38
CA GLY A 10 33.26 5.13 9.30
C GLY A 10 32.42 6.07 10.10
N GLN A 11 32.15 7.25 9.55
CA GLN A 11 31.47 8.35 10.27
C GLN A 11 30.01 7.94 10.53
N GLN A 12 29.40 7.21 9.61
CA GLN A 12 28.00 6.74 9.79
C GLN A 12 27.98 5.79 11.01
N LEU A 13 29.01 4.97 11.20
CA LEU A 13 29.03 4.05 12.38
C LEU A 13 29.14 4.87 13.66
N THR A 14 30.00 5.89 13.69
CA THR A 14 30.12 6.77 14.87
C THR A 14 28.74 7.35 15.20
N LEU A 15 28.03 7.86 14.19
CA LEU A 15 26.71 8.45 14.47
C LEU A 15 25.74 7.35 14.89
N ALA A 16 25.73 6.19 14.25
CA ALA A 16 24.85 5.06 14.67
C ALA A 16 25.09 4.70 16.14
N ARG A 17 26.33 4.79 16.64
CA ARG A 17 26.62 4.45 18.05
CA ARG A 17 26.64 4.45 18.05
C ARG A 17 26.01 5.51 18.96
N ALA A 18 26.06 6.78 18.54
CA ALA A 18 25.50 7.88 19.34
C ALA A 18 23.99 7.72 19.36
N ILE A 19 23.40 7.35 18.23
CA ILE A 19 21.94 7.06 18.15
C ILE A 19 21.59 5.93 19.12
N GLU A 20 22.33 4.84 19.07
CA GLU A 20 22.10 3.66 19.92
C GLU A 20 22.22 4.07 21.40
N ASN A 21 23.09 5.02 21.72
CA ASN A 21 23.36 5.49 23.11
CA ASN A 21 23.29 5.40 23.15
C ASN A 21 22.28 6.48 23.56
N GLY A 22 21.42 6.95 22.65
CA GLY A 22 20.39 7.95 22.98
C GLY A 22 21.02 9.30 23.32
N GLU A 23 22.15 9.63 22.73
CA GLU A 23 22.95 10.84 23.05
C GLU A 23 22.56 11.99 22.11
N VAL A 24 21.65 12.86 22.53
CA VAL A 24 21.03 13.87 21.62
C VAL A 24 22.11 14.87 21.24
N ASP A 25 22.88 15.38 22.20
CA ASP A 25 23.86 16.48 21.90
C ASP A 25 24.95 15.93 20.98
N GLU A 26 25.37 14.68 21.17
CA GLU A 26 26.39 14.04 20.29
C GLU A 26 25.82 13.80 18.89
N VAL A 27 24.55 13.38 18.78
CA VAL A 27 23.86 13.19 17.46
C VAL A 27 23.88 14.52 16.72
N ILE A 28 23.49 15.59 17.41
CA ILE A 28 23.45 16.95 16.81
C ILE A 28 24.85 17.28 16.28
N LYS A 29 25.88 17.07 17.08
CA LYS A 29 27.29 17.38 16.71
C LYS A 29 27.72 16.59 15.44
N LEU A 30 27.48 15.28 15.43
CA LEU A 30 28.03 14.36 14.39
C LEU A 30 27.27 14.50 13.05
N ALA A 31 25.99 14.85 13.13
CA ALA A 31 25.08 14.86 11.96
C ALA A 31 25.65 15.76 10.85
N SER A 32 26.20 16.92 11.22
CA SER A 32 26.74 17.95 10.29
C SER A 32 27.74 17.35 9.29
N GLY A 33 28.61 16.45 9.74
CA GLY A 33 29.68 15.91 8.92
C GLY A 33 29.46 14.45 8.55
N THR A 34 28.21 13.98 8.65
CA THR A 34 27.82 12.59 8.31
C THR A 34 26.85 12.67 7.13
N ASP A 35 27.02 11.75 6.17
CA ASP A 35 26.00 11.50 5.12
C ASP A 35 24.79 10.83 5.77
N LEU A 36 23.73 11.58 6.01
CA LEU A 36 22.59 11.07 6.80
C LEU A 36 21.72 10.10 6.00
N ASN A 37 21.67 10.25 4.67
CA ASN A 37 20.67 9.58 3.81
C ASN A 37 21.27 8.43 3.01
N LYS A 38 22.58 8.30 2.88
CA LYS A 38 23.17 7.16 2.15
CA LYS A 38 23.14 7.15 2.13
C LYS A 38 22.87 5.89 2.94
N PRO A 39 22.16 4.89 2.35
CA PRO A 39 21.93 3.63 3.04
C PRO A 39 23.26 3.00 3.43
N GLY A 40 23.27 2.34 4.57
CA GLY A 40 24.33 1.37 4.89
C GLY A 40 24.04 0.05 4.21
N LYS A 41 24.48 -1.03 4.83
CA LYS A 41 24.28 -2.41 4.33
C LYS A 41 22.83 -2.85 4.58
N GLU A 42 22.33 -3.72 3.71
CA GLU A 42 21.01 -4.37 3.84
C GLU A 42 19.91 -3.30 3.78
N ASP A 43 20.16 -2.17 3.10
CA ASP A 43 19.16 -1.09 2.89
C ASP A 43 18.88 -0.38 4.22
N THR A 45 18.95 2.48 6.93
CA THR A 45 19.34 3.91 7.01
C THR A 45 19.50 4.36 8.45
N LEU A 46 20.24 5.45 8.68
CA LEU A 46 20.38 6.06 10.03
C LEU A 46 19.00 6.41 10.61
N LEU A 47 18.05 6.87 9.81
CA LEU A 47 16.76 7.23 10.42
C LEU A 47 15.99 5.97 10.82
N PHE A 48 15.95 4.92 10.00
CA PHE A 48 15.34 3.64 10.44
C PHE A 48 16.05 3.11 11.69
N TRP A 49 17.37 3.21 11.73
CA TRP A 49 18.20 2.82 12.91
C TRP A 49 17.70 3.60 14.14
N ALA A 50 17.40 4.90 13.99
CA ALA A 50 16.93 5.74 15.13
C ALA A 50 15.54 5.31 15.56
N VAL A 51 14.68 4.94 14.62
CA VAL A 51 13.32 4.44 14.95
C VAL A 51 13.46 3.12 15.74
N ASN A 53 15.97 2.04 17.56
CA ASN A 53 16.70 2.16 18.83
C ASN A 53 15.93 2.98 19.85
N SER A 54 14.89 3.70 19.39
CA SER A 54 13.98 4.48 20.26
C SER A 54 13.21 3.55 21.21
N ILE A 55 13.11 2.26 20.89
CA ILE A 55 12.31 1.27 21.69
C ILE A 55 13.20 0.82 22.84
N ASN A 56 13.14 1.56 23.94
CA ASN A 56 14.04 1.43 25.12
C ASN A 56 13.38 2.22 26.24
N ASN A 57 13.22 1.63 27.43
CA ASN A 57 12.54 2.32 28.57
C ASN A 57 13.57 3.22 29.26
N GLN A 58 14.84 3.18 28.83
CA GLN A 58 15.89 4.10 29.31
C GLN A 58 15.96 5.29 28.34
N LYS A 59 15.83 6.51 28.87
CA LYS A 59 16.04 7.79 28.11
C LYS A 59 14.99 7.90 27.00
N THR A 60 13.75 7.44 27.21
CA THR A 60 12.78 7.29 26.08
C THR A 60 12.51 8.65 25.42
N PRO A 61 12.23 9.73 26.19
CA PRO A 61 12.00 11.04 25.57
C PRO A 61 13.19 11.52 24.73
N GLU A 62 14.40 11.26 25.21
CA GLU A 62 15.63 11.68 24.50
C GLU A 62 15.78 10.87 23.21
N ARG A 63 15.46 9.58 23.26
CA ARG A 63 15.55 8.70 22.06
C ARG A 63 14.51 9.13 21.01
N LEU A 64 13.33 9.61 21.42
CA LEU A 64 12.35 10.15 20.43
C LEU A 64 12.92 11.46 19.90
N ASN A 65 13.56 12.25 20.75
CA ASN A 65 14.17 13.53 20.30
C ASN A 65 15.35 13.28 19.36
N VAL A 66 16.03 12.14 19.45
CA VAL A 66 17.08 11.81 18.45
C VAL A 66 16.45 11.75 17.04
N ILE A 67 15.25 11.20 16.91
CA ILE A 67 14.54 11.14 15.60
C ILE A 67 14.32 12.56 15.10
N THR A 68 13.79 13.43 15.96
CA THR A 68 13.52 14.84 15.64
C THR A 68 14.80 15.51 15.17
N LEU A 70 17.69 14.24 14.04
CA LEU A 70 18.21 13.69 12.76
C LEU A 70 17.47 14.34 11.59
N ILE A 71 16.16 14.54 11.73
CA ILE A 71 15.36 15.10 10.59
C ILE A 71 15.70 16.58 10.47
N LYS A 72 15.75 17.29 11.58
CA LYS A 72 16.13 18.73 11.54
C LYS A 72 17.51 18.86 10.88
N ALA A 73 18.43 17.91 11.07
CA ALA A 73 19.79 17.94 10.52
C ALA A 73 19.82 17.51 9.04
N GLY A 74 18.72 17.00 8.48
CA GLY A 74 18.65 16.65 7.04
C GLY A 74 18.47 15.16 6.76
N ALA A 75 18.19 14.33 7.77
CA ALA A 75 17.76 12.94 7.49
C ALA A 75 16.33 13.00 6.93
N ASP A 76 16.12 12.39 5.78
CA ASP A 76 14.85 12.50 5.03
C ASP A 76 13.87 11.44 5.51
N PRO A 77 12.78 11.86 6.17
CA PRO A 77 11.77 10.95 6.67
C PRO A 77 10.91 10.36 5.54
N LEU A 78 10.98 10.94 4.35
CA LEU A 78 10.21 10.43 3.19
C LEU A 78 11.11 9.67 2.21
N GLN A 79 12.33 9.32 2.58
CA GLN A 79 13.21 8.58 1.66
C GLN A 79 12.68 7.18 1.48
N PRO A 80 12.36 6.76 0.24
CA PRO A 80 11.93 5.40 -0.04
C PRO A 80 13.09 4.41 0.15
N ARG A 81 12.74 3.15 0.29
CA ARG A 81 13.67 2.02 0.23
C ARG A 81 13.55 1.35 -1.13
N PRO A 82 14.53 0.51 -1.53
CA PRO A 82 14.39 -0.17 -2.81
C PRO A 82 13.20 -1.13 -2.93
N GLN A 83 12.83 -1.44 -4.19
CA GLN A 83 11.75 -2.41 -4.54
C GLN A 83 10.41 -1.98 -3.91
N GLY A 84 10.19 -0.67 -3.77
CA GLY A 84 8.87 -0.14 -3.40
C GLY A 84 8.62 -0.24 -1.90
N LYS A 85 9.65 -0.46 -1.09
CA LYS A 85 9.45 -0.51 0.38
C LYS A 85 9.42 0.92 0.95
N ASN A 86 8.70 1.12 2.04
CA ASN A 86 8.32 2.49 2.41
C ASN A 86 9.37 3.28 3.21
N SER A 87 9.08 4.56 3.41
CA SER A 87 9.91 5.54 4.16
C SER A 87 9.62 5.47 5.65
N PRO A 88 10.54 5.96 6.49
CA PRO A 88 10.29 6.02 7.94
C PRO A 88 8.93 6.64 8.31
N ALA A 89 8.55 7.76 7.66
CA ALA A 89 7.27 8.43 7.99
C ALA A 89 6.09 7.53 7.65
N GLU A 90 6.09 6.93 6.48
CA GLU A 90 5.00 6.01 6.10
C GLU A 90 4.98 4.82 7.08
N PHE A 91 6.15 4.31 7.46
CA PHE A 91 6.26 3.11 8.32
C PHE A 91 5.62 3.39 9.69
N VAL A 92 5.96 4.54 10.29
CA VAL A 92 5.54 4.86 11.68
C VAL A 92 4.08 5.31 11.71
N LEU A 93 3.52 5.72 10.58
CA LEU A 93 2.07 6.04 10.52
C LEU A 93 1.19 4.82 10.71
N ALA A 95 1.81 2.52 13.05
CA ALA A 95 2.14 1.97 14.40
C ALA A 95 0.96 2.16 15.36
N ASP A 96 1.02 1.45 16.49
CA ASP A 96 -0.06 1.39 17.51
C ASP A 96 -0.14 2.69 18.31
N ASN A 97 0.88 3.54 18.25
CA ASN A 97 0.78 4.86 18.91
C ASN A 97 1.57 5.89 18.11
N ALA A 98 1.36 7.14 18.47
CA ALA A 98 1.76 8.29 17.65
C ALA A 98 3.06 8.91 18.14
N ASP A 99 3.82 8.26 19.04
CA ASP A 99 5.06 8.87 19.54
C ASP A 99 6.03 9.12 18.38
N TRP A 100 6.22 8.14 17.49
CA TRP A 100 7.14 8.30 16.34
C TRP A 100 6.68 9.42 15.41
N ILE A 101 5.43 9.38 14.96
CA ILE A 101 4.99 10.41 13.99
C ILE A 101 5.11 11.78 14.66
N LYS A 102 4.81 11.90 15.95
CA LYS A 102 4.87 13.21 16.65
C LYS A 102 6.33 13.69 16.63
N ALA A 103 7.31 12.81 16.81
CA ALA A 103 8.74 13.22 16.79
C ALA A 103 9.09 13.77 15.41
N LEU A 105 6.79 15.05 13.11
CA LEU A 105 6.04 16.33 12.90
C LEU A 105 6.77 17.43 13.66
N ASN A 106 7.38 17.14 14.81
CA ASN A 106 8.14 18.14 15.60
C ASN A 106 9.37 18.67 14.82
N ALA A 107 9.81 17.97 13.78
CA ALA A 107 10.99 18.31 12.98
C ALA A 107 10.54 18.95 11.66
N GLY A 108 9.24 19.19 11.49
CA GLY A 108 8.70 19.90 10.32
C GLY A 108 8.20 19.00 9.22
N LEU A 109 8.09 17.68 9.46
CA LEU A 109 7.37 16.82 8.48
C LEU A 109 5.98 17.40 8.28
N SER A 110 5.62 17.63 7.02
CA SER A 110 4.29 18.16 6.67
C SER A 110 3.22 17.10 6.95
N PRO A 111 2.10 17.42 7.64
CA PRO A 111 1.01 16.45 7.73
C PRO A 111 0.35 16.18 6.38
N ASN A 112 0.63 17.01 5.37
CA ASN A 112 0.05 16.85 4.01
C ASN A 112 1.11 16.25 3.07
N ALA A 113 2.19 15.71 3.62
CA ALA A 113 3.30 15.20 2.80
C ALA A 113 2.78 14.07 1.91
N VAL A 114 3.38 13.90 0.74
CA VAL A 114 3.15 12.75 -0.17
C VAL A 114 4.44 11.94 -0.23
N ASP A 115 4.29 10.65 -0.47
CA ASP A 115 5.46 9.76 -0.58
C ASP A 115 6.19 10.08 -1.88
N LYS A 116 7.49 9.83 -1.88
CA LYS A 116 8.38 10.14 -3.02
C LYS A 116 8.40 9.05 -4.09
N THR A 117 7.78 7.89 -3.85
CA THR A 117 7.70 6.80 -4.87
C THR A 117 6.44 6.97 -5.74
N PHE A 118 5.27 7.15 -5.13
CA PHE A 118 3.92 7.07 -5.76
C PHE A 118 3.19 8.42 -5.66
N GLY A 119 3.62 9.36 -4.82
CA GLY A 119 2.98 10.69 -4.68
C GLY A 119 1.66 10.59 -3.92
N LYS A 120 1.45 9.52 -3.14
CA LYS A 120 0.23 9.37 -2.32
C LYS A 120 0.39 10.13 -1.02
N PRO A 121 -0.63 10.87 -0.53
CA PRO A 121 -0.56 11.48 0.78
C PRO A 121 -0.24 10.40 1.80
N ILE A 122 0.78 10.63 2.63
CA ILE A 122 1.24 9.59 3.58
C ILE A 122 0.15 9.33 4.62
N ILE A 123 -0.74 10.29 4.89
CA ILE A 123 -1.84 10.09 5.88
C ILE A 123 -2.68 8.84 5.58
N PHE A 124 -2.74 8.34 4.33
CA PHE A 124 -3.50 7.11 4.02
C PHE A 124 -2.90 5.92 4.80
N GLN A 125 -1.62 5.97 5.15
CA GLN A 125 -0.99 4.84 5.89
C GLN A 125 -1.66 4.68 7.27
N THR A 126 -2.19 5.74 7.86
CA THR A 126 -2.90 5.61 9.17
C THR A 126 -4.04 4.63 9.07
N LEU A 127 -4.63 4.39 7.89
CA LEU A 127 -5.82 3.50 7.80
C LEU A 127 -5.41 2.05 8.03
N GLU A 128 -4.11 1.75 8.00
CA GLU A 128 -3.54 0.40 8.24
C GLU A 128 -3.26 0.19 9.72
N ALA A 129 -3.30 1.24 10.55
CA ALA A 129 -3.01 1.09 12.00
C ALA A 129 -4.17 0.34 12.68
N LYS A 130 -3.90 -0.29 13.83
CA LYS A 130 -4.89 -1.01 14.69
C LYS A 130 -5.81 -0.04 15.45
N ASN A 131 -5.48 1.23 15.54
CA ASN A 131 -6.31 2.23 16.27
C ASN A 131 -6.14 3.56 15.54
N THR A 132 -6.81 4.59 16.01
CA THR A 132 -6.88 5.88 15.30
C THR A 132 -5.82 6.86 15.82
N LYS A 133 -4.85 6.43 16.64
CA LYS A 133 -3.95 7.41 17.27
C LYS A 133 -3.11 8.15 16.22
N THR A 134 -2.52 7.49 15.22
CA THR A 134 -1.65 8.19 14.24
C THR A 134 -2.50 9.14 13.37
N LEU A 135 -3.71 8.74 13.01
CA LEU A 135 -4.62 9.65 12.26
C LEU A 135 -4.93 10.85 13.14
N GLN A 136 -5.25 10.64 14.42
CA GLN A 136 -5.53 11.80 15.33
C GLN A 136 -4.32 12.73 15.34
N ALA A 137 -3.08 12.19 15.44
CA ALA A 137 -1.87 13.04 15.45
C ALA A 137 -1.82 13.88 14.16
N LEU A 139 -4.24 14.74 11.89
CA LEU A 139 -5.35 15.73 11.85
C LEU A 139 -5.10 16.83 12.90
N ASP A 140 -4.61 16.48 14.10
CA ASP A 140 -4.32 17.48 15.15
C ASP A 140 -3.28 18.50 14.66
N LYS A 141 -2.30 18.06 13.86
CA LYS A 141 -1.19 18.92 13.36
C LYS A 141 -1.67 19.71 12.14
N GLY A 142 -2.89 19.46 11.65
CA GLY A 142 -3.53 20.27 10.58
C GLY A 142 -3.51 19.61 9.21
N ALA A 143 -3.47 18.26 9.12
CA ALA A 143 -3.66 17.57 7.82
C ALA A 143 -4.99 17.99 7.22
N ASP A 144 -5.04 18.06 5.89
CA ASP A 144 -6.31 18.19 5.15
C ASP A 144 -7.12 16.90 5.27
N ILE A 145 -8.21 16.94 6.05
CA ILE A 145 -9.03 15.72 6.29
C ILE A 145 -9.62 15.21 4.98
N ASN A 146 -9.73 16.07 3.96
CA ASN A 146 -10.37 15.74 2.67
C ASN A 146 -9.36 15.50 1.55
N ILE A 147 -8.09 15.31 1.86
CA ILE A 147 -7.06 15.07 0.82
C ILE A 147 -7.41 13.77 0.11
N THR A 148 -7.04 13.68 -1.16
CA THR A 148 -7.38 12.51 -2.00
C THR A 148 -6.11 11.85 -2.49
N ASP A 149 -6.26 10.59 -2.82
CA ASP A 149 -5.26 9.83 -3.61
C ASP A 149 -5.43 10.19 -5.10
N SER A 150 -4.61 9.63 -5.96
CA SER A 150 -4.59 9.95 -7.41
C SER A 150 -5.94 9.65 -8.06
N LEU A 151 -6.75 8.74 -7.50
CA LEU A 151 -8.05 8.35 -8.09
C LEU A 151 -9.19 9.11 -7.41
N GLY A 152 -8.88 10.04 -6.52
CA GLY A 152 -9.86 10.95 -5.93
C GLY A 152 -10.53 10.34 -4.71
N ASN A 153 -9.99 9.28 -4.13
CA ASN A 153 -10.56 8.68 -2.90
C ASN A 153 -10.06 9.49 -1.71
N THR A 154 -10.94 9.71 -0.74
CA THR A 154 -10.58 10.31 0.55
C THR A 154 -10.31 9.21 1.57
N LEU A 155 -9.72 9.61 2.71
CA LEU A 155 -9.60 8.74 3.91
C LEU A 155 -10.96 8.14 4.29
N LEU A 156 -11.99 8.97 4.32
CA LEU A 156 -13.35 8.49 4.70
C LEU A 156 -13.83 7.40 3.73
N ILE A 157 -13.70 7.63 2.42
CA ILE A 157 -14.16 6.65 1.40
C ILE A 157 -13.39 5.34 1.59
N ASP A 158 -12.09 5.43 1.76
CA ASP A 158 -11.24 4.23 1.92
C ASP A 158 -11.64 3.47 3.18
N ALA A 159 -11.77 4.17 4.29
CA ALA A 159 -12.13 3.56 5.59
C ALA A 159 -13.50 2.88 5.50
N LEU A 160 -14.47 3.53 4.84
CA LEU A 160 -15.80 2.93 4.61
C LEU A 160 -15.67 1.66 3.80
N ASP A 161 -14.84 1.70 2.76
CA ASP A 161 -14.73 0.60 1.80
C ASP A 161 -14.20 -0.65 2.51
N PHE A 162 -13.29 -0.45 3.45
CA PHE A 162 -12.65 -1.56 4.21
C PHE A 162 -13.46 -1.89 5.46
N HIS A 163 -14.53 -1.15 5.76
CA HIS A 163 -15.32 -1.30 7.01
C HIS A 163 -14.43 -1.03 8.24
N SER A 164 -13.48 -0.09 8.16
CA SER A 164 -12.58 0.30 9.28
C SER A 164 -13.35 1.30 10.13
N TYR A 165 -14.36 0.82 10.84
CA TYR A 165 -15.38 1.67 11.47
C TYR A 165 -14.74 2.69 12.39
N ASP A 166 -13.74 2.33 13.20
CA ASP A 166 -13.19 3.32 14.17
C ASP A 166 -12.58 4.51 13.43
N HIS A 167 -11.92 4.25 12.31
CA HIS A 167 -11.32 5.32 11.49
C HIS A 167 -12.45 6.16 10.86
N VAL A 168 -13.48 5.51 10.32
CA VAL A 168 -14.66 6.21 9.73
C VAL A 168 -15.24 7.18 10.77
N LEU A 169 -15.49 6.67 11.97
CA LEU A 169 -16.21 7.46 13.00
C LEU A 169 -15.31 8.60 13.49
N LEU A 170 -14.00 8.38 13.66
CA LEU A 170 -13.10 9.52 13.99
C LEU A 170 -13.15 10.54 12.86
N LEU A 171 -13.04 10.13 11.60
CA LEU A 171 -13.08 11.08 10.47
C LEU A 171 -14.41 11.85 10.48
N LEU A 172 -15.53 11.19 10.70
CA LEU A 172 -16.83 11.90 10.71
C LEU A 172 -16.85 12.88 11.88
N GLU A 173 -16.39 12.42 13.06
CA GLU A 173 -16.42 13.29 14.26
C GLU A 173 -15.62 14.58 14.00
N ARG A 174 -14.51 14.47 13.25
CA ARG A 174 -13.63 15.60 12.86
C ARG A 174 -14.16 16.36 11.63
N GLY A 175 -15.29 15.97 11.04
CA GLY A 175 -15.98 16.80 10.00
C GLY A 175 -15.56 16.48 8.56
N ALA A 176 -15.06 15.28 8.33
CA ALA A 176 -14.67 14.81 6.99
C ALA A 176 -15.90 14.97 6.10
N ASP A 177 -15.67 15.52 4.91
CA ASP A 177 -16.75 15.75 3.92
C ASP A 177 -17.20 14.40 3.39
N PRO A 178 -18.48 14.02 3.60
CA PRO A 178 -18.99 12.73 3.13
C PRO A 178 -19.32 12.69 1.62
N GLU A 179 -19.02 13.73 0.85
CA GLU A 179 -19.27 13.68 -0.60
C GLU A 179 -18.12 14.38 -1.35
N ASN B 2 4.24 -8.32 -34.11
CA ASN B 2 3.45 -7.61 -33.07
C ASN B 2 4.29 -7.48 -31.78
N ALA B 3 4.23 -6.31 -31.12
CA ALA B 3 5.18 -5.84 -30.09
C ALA B 3 4.51 -4.75 -29.26
N PRO B 4 5.11 -4.30 -28.12
CA PRO B 4 4.48 -3.31 -27.26
C PRO B 4 4.17 -1.98 -27.98
N ASP B 5 4.99 -1.62 -28.97
CA ASP B 5 4.79 -0.37 -29.74
C ASP B 5 3.55 -0.48 -30.64
N ASN B 6 2.94 -1.66 -30.74
CA ASN B 6 1.65 -1.80 -31.47
C ASN B 6 0.50 -1.32 -30.59
N TYR B 7 0.71 -1.21 -29.28
CA TYR B 7 -0.36 -0.79 -28.34
C TYR B 7 -0.07 0.61 -27.79
N PHE B 8 1.21 0.91 -27.51
CA PHE B 8 1.61 2.12 -26.73
C PHE B 8 2.64 2.94 -27.50
N SER B 9 2.72 4.24 -27.19
CA SER B 9 3.87 5.07 -27.62
C SER B 9 4.31 5.92 -26.42
N GLY B 10 5.43 6.65 -26.58
CA GLY B 10 5.80 7.68 -25.60
C GLY B 10 6.03 7.00 -24.27
N GLN B 11 5.67 7.68 -23.19
CA GLN B 11 5.99 7.22 -21.83
C GLN B 11 5.22 5.93 -21.51
N GLN B 12 4.01 5.76 -22.05
CA GLN B 12 3.26 4.49 -21.88
C GLN B 12 4.11 3.34 -22.45
N LEU B 13 4.78 3.53 -23.57
CA LEU B 13 5.56 2.44 -24.21
C LEU B 13 6.80 2.13 -23.38
N THR B 14 7.48 3.15 -22.88
CA THR B 14 8.68 2.95 -22.02
C THR B 14 8.26 2.10 -20.83
N LEU B 15 7.12 2.44 -20.23
CA LEU B 15 6.66 1.68 -19.05
C LEU B 15 6.25 0.29 -19.52
N ALA B 16 5.57 0.15 -20.66
CA ALA B 16 5.09 -1.19 -21.12
C ALA B 16 6.30 -2.09 -21.34
N ARG B 17 7.43 -1.55 -21.79
CA ARG B 17 8.65 -2.37 -22.03
C ARG B 17 9.23 -2.81 -20.68
N ALA B 18 9.19 -1.93 -19.69
CA ALA B 18 9.72 -2.25 -18.34
C ALA B 18 8.84 -3.35 -17.74
N ILE B 19 7.51 -3.27 -17.92
CA ILE B 19 6.59 -4.32 -17.40
C ILE B 19 6.92 -5.64 -18.10
N GLU B 20 7.05 -5.61 -19.43
CA GLU B 20 7.33 -6.84 -20.23
CA GLU B 20 7.38 -6.80 -20.27
C GLU B 20 8.63 -7.49 -19.74
N ASN B 21 9.61 -6.71 -19.33
CA ASN B 21 10.92 -7.23 -18.88
C ASN B 21 10.93 -7.56 -17.39
N GLY B 22 9.81 -7.43 -16.66
CA GLY B 22 9.74 -7.79 -15.23
C GLY B 22 10.61 -6.93 -14.35
N GLU B 23 10.84 -5.66 -14.73
CA GLU B 23 11.83 -4.77 -14.08
C GLU B 23 11.16 -3.97 -12.96
N VAL B 24 11.09 -4.50 -11.75
CA VAL B 24 10.29 -3.87 -10.65
C VAL B 24 10.82 -2.44 -10.38
N ASP B 25 12.12 -2.27 -10.22
CA ASP B 25 12.63 -0.92 -9.86
C ASP B 25 12.42 0.03 -11.04
N GLU B 26 12.49 -0.41 -12.28
CA GLU B 26 12.26 0.47 -13.45
C GLU B 26 10.76 0.81 -13.50
N VAL B 27 9.88 -0.17 -13.27
CA VAL B 27 8.42 0.11 -13.21
C VAL B 27 8.13 1.17 -12.14
N ILE B 28 8.74 1.04 -10.96
CA ILE B 28 8.53 2.00 -9.84
C ILE B 28 8.97 3.39 -10.29
N LYS B 29 10.14 3.49 -10.92
CA LYS B 29 10.72 4.78 -11.36
C LYS B 29 9.78 5.48 -12.37
N LEU B 30 9.18 4.72 -13.27
CA LEU B 30 8.45 5.28 -14.45
C LEU B 30 6.96 5.51 -14.14
N ALA B 31 6.39 4.67 -13.29
CA ALA B 31 4.92 4.56 -13.12
C ALA B 31 4.32 5.87 -12.64
N SER B 32 5.02 6.54 -11.70
CA SER B 32 4.63 7.85 -11.08
C SER B 32 4.42 8.93 -12.15
N GLY B 33 5.20 8.88 -13.22
CA GLY B 33 5.26 9.93 -14.24
C GLY B 33 4.58 9.54 -15.53
N THR B 34 3.81 8.45 -15.52
CA THR B 34 3.11 7.89 -16.70
C THR B 34 1.59 7.94 -16.47
N ASP B 35 0.81 8.24 -17.52
CA ASP B 35 -0.66 8.05 -17.51
C ASP B 35 -0.93 6.53 -17.47
N LEU B 36 -1.32 6.00 -16.32
CA LEU B 36 -1.48 4.53 -16.14
C LEU B 36 -2.82 4.01 -16.71
N ASN B 37 -3.81 4.88 -16.85
CA ASN B 37 -5.23 4.46 -17.04
C ASN B 37 -5.68 4.71 -18.47
N LYS B 38 -5.08 5.63 -19.23
CA LYS B 38 -5.54 5.87 -20.62
C LYS B 38 -5.30 4.61 -21.44
N PRO B 39 -6.33 3.96 -22.03
CA PRO B 39 -6.08 2.79 -22.87
C PRO B 39 -5.20 3.19 -24.06
N GLY B 40 -4.38 2.26 -24.49
CA GLY B 40 -3.68 2.35 -25.78
C GLY B 40 -4.52 1.75 -26.90
N LYS B 41 -3.85 1.30 -27.96
CA LYS B 41 -4.55 0.75 -29.14
C LYS B 41 -5.14 -0.60 -28.74
N GLU B 42 -6.18 -1.02 -29.46
CA GLU B 42 -6.88 -2.31 -29.20
C GLU B 42 -7.38 -2.39 -27.77
N ASP B 43 -7.69 -1.26 -27.13
CA ASP B 43 -8.26 -1.19 -25.75
C ASP B 43 -7.23 -1.72 -24.73
N THR B 45 -4.74 -1.84 -21.78
CA THR B 45 -4.32 -1.00 -20.63
C THR B 45 -3.03 -1.56 -20.04
N LEU B 46 -2.30 -0.71 -19.35
CA LEU B 46 -1.02 -1.11 -18.74
C LEU B 46 -1.26 -2.16 -17.63
N LEU B 47 -2.39 -2.12 -16.93
CA LEU B 47 -2.63 -3.15 -15.89
C LEU B 47 -2.95 -4.50 -16.52
N PHE B 48 -3.78 -4.56 -17.58
CA PHE B 48 -4.00 -5.83 -18.31
C PHE B 48 -2.68 -6.30 -18.95
N TRP B 49 -1.86 -5.39 -19.47
CA TRP B 49 -0.52 -5.73 -20.02
C TRP B 49 0.29 -6.46 -18.93
N ALA B 50 0.27 -5.95 -17.70
CA ALA B 50 1.03 -6.47 -16.53
C ALA B 50 0.50 -7.84 -16.12
N VAL B 51 -0.82 -8.02 -16.08
CA VAL B 51 -1.41 -9.34 -15.71
C VAL B 51 -0.90 -10.39 -16.72
N ASN B 53 1.64 -10.32 -18.92
CA ASN B 53 3.12 -10.52 -18.94
C ASN B 53 3.62 -11.22 -17.67
N SER B 54 2.79 -11.36 -16.63
CA SER B 54 3.18 -12.06 -15.38
C SER B 54 3.21 -13.56 -15.62
N ILE B 55 2.62 -14.03 -16.71
CA ILE B 55 2.58 -15.49 -17.03
C ILE B 55 3.91 -15.82 -17.72
N ASN B 56 4.86 -16.21 -16.91
CA ASN B 56 6.30 -16.27 -17.27
C ASN B 56 6.97 -16.98 -16.10
N ASN B 57 7.69 -18.08 -16.37
CA ASN B 57 8.40 -18.84 -15.30
C ASN B 57 9.67 -18.04 -14.93
N GLN B 58 10.02 -17.02 -15.72
CA GLN B 58 11.12 -16.07 -15.35
C GLN B 58 10.57 -15.03 -14.38
N LYS B 59 10.93 -15.19 -13.09
CA LYS B 59 10.77 -14.23 -11.95
C LYS B 59 9.28 -13.88 -11.78
N THR B 60 8.44 -14.90 -11.60
CA THR B 60 6.97 -14.75 -11.42
C THR B 60 6.72 -13.84 -10.23
N PRO B 61 7.48 -13.96 -9.11
CA PRO B 61 7.27 -13.08 -7.95
C PRO B 61 7.40 -11.59 -8.26
N GLU B 62 8.50 -11.22 -8.93
CA GLU B 62 8.79 -9.81 -9.29
C GLU B 62 7.67 -9.33 -10.21
N ARG B 63 7.23 -10.20 -11.12
CA ARG B 63 6.21 -9.81 -12.12
C ARG B 63 4.86 -9.60 -11.43
N LEU B 64 4.57 -10.35 -10.36
CA LEU B 64 3.37 -10.09 -9.54
C LEU B 64 3.56 -8.76 -8.81
N ASN B 65 4.72 -8.53 -8.23
CA ASN B 65 5.00 -7.27 -7.50
C ASN B 65 4.88 -6.10 -8.50
N VAL B 66 5.20 -6.29 -9.78
CA VAL B 66 4.95 -5.21 -10.78
C VAL B 66 3.47 -4.81 -10.73
N ILE B 67 2.53 -5.76 -10.71
CA ILE B 67 1.08 -5.43 -10.67
C ILE B 67 0.81 -4.57 -9.43
N THR B 68 1.33 -5.00 -8.29
CA THR B 68 1.18 -4.25 -7.02
C THR B 68 1.73 -2.82 -7.17
N LEU B 70 2.15 -0.94 -9.89
CA LEU B 70 1.31 -0.15 -10.84
C LEU B 70 0.08 0.35 -10.10
N ILE B 71 -0.52 -0.49 -9.26
CA ILE B 71 -1.76 -0.07 -8.55
C ILE B 71 -1.40 1.00 -7.49
N LYS B 72 -0.30 0.83 -6.77
CA LYS B 72 0.13 1.86 -5.77
C LYS B 72 0.42 3.20 -6.46
N ALA B 73 0.87 3.16 -7.71
CA ALA B 73 1.23 4.36 -8.54
C ALA B 73 -0.04 4.99 -9.13
N GLY B 74 -1.18 4.31 -9.05
CA GLY B 74 -2.47 4.90 -9.45
C GLY B 74 -3.14 4.22 -10.62
N ALA B 75 -2.63 3.08 -11.08
CA ALA B 75 -3.36 2.26 -12.08
C ALA B 75 -4.62 1.74 -11.41
N ASP B 76 -5.75 1.97 -12.04
CA ASP B 76 -7.06 1.70 -11.42
C ASP B 76 -7.46 0.24 -11.67
N PRO B 77 -7.47 -0.62 -10.63
CA PRO B 77 -7.82 -2.02 -10.81
C PRO B 77 -9.32 -2.26 -11.01
N LEU B 78 -10.13 -1.22 -10.79
CA LEU B 78 -11.58 -1.28 -11.03
C LEU B 78 -11.99 -0.52 -12.30
N GLN B 79 -11.05 -0.17 -13.18
CA GLN B 79 -11.46 0.53 -14.43
C GLN B 79 -12.14 -0.47 -15.35
N PRO B 80 -13.42 -0.23 -15.76
CA PRO B 80 -14.11 -1.10 -16.72
C PRO B 80 -13.47 -1.09 -18.11
N ARG B 81 -13.60 -2.19 -18.83
CA ARG B 81 -13.25 -2.29 -20.29
C ARG B 81 -14.46 -1.92 -21.11
N PRO B 82 -14.29 -1.64 -22.41
CA PRO B 82 -15.41 -1.33 -23.28
C PRO B 82 -16.29 -2.56 -23.57
N GLN B 83 -17.40 -2.34 -24.27
CA GLN B 83 -18.39 -3.37 -24.63
C GLN B 83 -18.88 -4.04 -23.34
N GLY B 84 -18.87 -3.29 -22.24
CA GLY B 84 -19.38 -3.73 -20.93
C GLY B 84 -18.54 -4.82 -20.26
N LYS B 85 -17.29 -5.06 -20.68
CA LYS B 85 -16.43 -6.13 -20.10
C LYS B 85 -15.79 -5.64 -18.81
N ASN B 86 -15.24 -6.54 -18.00
CA ASN B 86 -14.99 -6.22 -16.59
C ASN B 86 -13.56 -5.69 -16.38
N SER B 87 -13.32 -5.17 -15.19
CA SER B 87 -12.07 -4.53 -14.76
C SER B 87 -11.01 -5.60 -14.47
N PRO B 88 -9.72 -5.23 -14.39
CA PRO B 88 -8.66 -6.16 -13.95
C PRO B 88 -9.03 -6.91 -12.67
N ALA B 89 -9.60 -6.24 -11.68
CA ALA B 89 -9.89 -6.86 -10.37
C ALA B 89 -10.97 -7.93 -10.53
N GLU B 90 -12.04 -7.59 -11.23
CA GLU B 90 -13.14 -8.55 -11.48
C GLU B 90 -12.62 -9.70 -12.36
N PHE B 91 -11.78 -9.40 -13.34
CA PHE B 91 -11.15 -10.38 -14.26
C PHE B 91 -10.39 -11.44 -13.44
N VAL B 92 -9.48 -11.02 -12.56
CA VAL B 92 -8.52 -11.98 -11.93
C VAL B 92 -9.27 -12.78 -10.85
N LEU B 93 -10.44 -12.34 -10.39
CA LEU B 93 -11.26 -13.10 -9.39
C LEU B 93 -11.80 -14.39 -10.02
N ALA B 95 -9.93 -16.32 -11.86
CA ALA B 95 -8.72 -17.05 -12.32
C ALA B 95 -8.58 -18.36 -11.54
N ASP B 96 -7.78 -19.27 -12.08
CA ASP B 96 -7.57 -20.61 -11.50
C ASP B 96 -6.81 -20.52 -10.17
N ASN B 97 -6.09 -19.44 -9.89
CA ASN B 97 -5.40 -19.25 -8.58
C ASN B 97 -5.45 -17.78 -8.15
N ALA B 98 -5.04 -17.52 -6.90
CA ALA B 98 -5.24 -16.22 -6.23
C ALA B 98 -4.00 -15.33 -6.37
N ASP B 99 -2.98 -15.71 -7.15
CA ASP B 99 -1.73 -14.90 -7.20
C ASP B 99 -2.05 -13.45 -7.58
N TRP B 100 -2.84 -13.25 -8.65
CA TRP B 100 -3.16 -11.87 -9.11
C TRP B 100 -4.03 -11.13 -8.08
N ILE B 101 -5.12 -11.72 -7.57
CA ILE B 101 -5.95 -10.95 -6.61
C ILE B 101 -5.05 -10.62 -5.41
N LYS B 102 -4.20 -11.54 -4.94
CA LYS B 102 -3.34 -11.22 -3.75
C LYS B 102 -2.45 -10.00 -4.07
N ALA B 103 -1.90 -9.91 -5.28
CA ALA B 103 -1.02 -8.82 -5.67
C ALA B 103 -1.82 -7.51 -5.60
N LEU B 105 -4.69 -7.00 -3.71
CA LEU B 105 -5.01 -6.74 -2.29
C LEU B 105 -3.78 -6.15 -1.61
N ASN B 106 -2.56 -6.57 -1.99
CA ASN B 106 -1.32 -6.00 -1.42
C ASN B 106 -1.16 -4.51 -1.79
N ALA B 107 -1.86 -3.99 -2.78
CA ALA B 107 -1.79 -2.58 -3.23
C ALA B 107 -2.99 -1.80 -2.67
N GLY B 108 -3.79 -2.41 -1.81
CA GLY B 108 -4.88 -1.68 -1.11
C GLY B 108 -6.24 -1.78 -1.76
N LEU B 109 -6.44 -2.73 -2.69
CA LEU B 109 -7.80 -3.03 -3.23
C LEU B 109 -8.64 -3.54 -2.06
N SER B 110 -9.84 -2.99 -1.92
CA SER B 110 -10.73 -3.42 -0.82
C SER B 110 -11.31 -4.79 -1.14
N PRO B 111 -11.34 -5.75 -0.19
CA PRO B 111 -12.08 -6.99 -0.37
C PRO B 111 -13.60 -6.84 -0.41
N ASN B 112 -14.10 -5.65 -0.06
CA ASN B 112 -15.52 -5.28 -0.18
C ASN B 112 -15.75 -4.35 -1.41
N ALA B 113 -14.75 -4.19 -2.26
CA ALA B 113 -14.82 -3.25 -3.42
C ALA B 113 -16.03 -3.60 -4.30
N VAL B 114 -16.65 -2.58 -4.86
CA VAL B 114 -17.78 -2.75 -5.82
C VAL B 114 -17.31 -2.28 -7.20
N ASP B 115 -17.93 -2.78 -8.26
CA ASP B 115 -17.63 -2.33 -9.64
C ASP B 115 -18.15 -0.91 -9.86
N LYS B 116 -17.43 -0.20 -10.70
CA LYS B 116 -17.61 1.25 -10.93
C LYS B 116 -18.83 1.53 -11.79
N THR B 117 -19.37 0.55 -12.50
CA THR B 117 -20.48 0.77 -13.44
C THR B 117 -21.81 0.55 -12.71
N PHE B 118 -21.96 -0.59 -12.04
CA PHE B 118 -23.26 -1.06 -11.50
C PHE B 118 -23.24 -1.11 -9.97
N GLY B 119 -22.06 -1.03 -9.35
CA GLY B 119 -21.92 -0.99 -7.88
C GLY B 119 -22.12 -2.35 -7.22
N LYS B 120 -21.87 -3.44 -7.94
CA LYS B 120 -22.01 -4.80 -7.40
C LYS B 120 -20.70 -5.19 -6.73
N PRO B 121 -20.69 -5.82 -5.54
CA PRO B 121 -19.43 -6.25 -4.94
C PRO B 121 -18.67 -7.19 -5.88
N ILE B 122 -17.40 -6.89 -6.11
CA ILE B 122 -16.59 -7.65 -7.11
C ILE B 122 -16.40 -9.09 -6.61
N ILE B 123 -16.51 -9.34 -5.31
CA ILE B 123 -16.36 -10.70 -4.73
C ILE B 123 -17.34 -11.69 -5.38
N PHE B 124 -18.47 -11.26 -5.92
CA PHE B 124 -19.40 -12.18 -6.61
C PHE B 124 -18.70 -12.83 -7.80
N GLN B 125 -17.72 -12.17 -8.42
CA GLN B 125 -16.99 -12.74 -9.59
C GLN B 125 -16.33 -14.06 -9.21
N THR B 126 -15.92 -14.26 -7.95
CA THR B 126 -15.24 -15.51 -7.51
C THR B 126 -16.16 -16.72 -7.76
N LEU B 127 -17.48 -16.56 -7.72
CA LEU B 127 -18.41 -17.71 -7.83
C LEU B 127 -18.31 -18.34 -9.22
N GLU B 128 -17.67 -17.68 -10.19
CA GLU B 128 -17.53 -18.12 -11.60
C GLU B 128 -16.19 -18.85 -11.78
N ALA B 129 -15.31 -18.79 -10.79
CA ALA B 129 -14.03 -19.54 -10.78
C ALA B 129 -14.29 -21.05 -10.64
N LYS B 130 -13.40 -21.86 -11.18
CA LYS B 130 -13.52 -23.33 -11.15
C LYS B 130 -13.08 -23.89 -9.80
N ASN B 131 -12.48 -23.08 -8.92
CA ASN B 131 -12.12 -23.51 -7.54
C ASN B 131 -12.31 -22.32 -6.59
N THR B 132 -12.06 -22.50 -5.30
CA THR B 132 -12.38 -21.46 -4.28
C THR B 132 -11.17 -20.59 -3.92
N LYS B 133 -10.04 -20.63 -4.63
CA LYS B 133 -8.80 -19.93 -4.19
CA LYS B 133 -8.81 -19.93 -4.16
C LYS B 133 -9.01 -18.41 -4.15
N THR B 134 -9.62 -17.82 -5.18
CA THR B 134 -9.84 -16.35 -5.18
C THR B 134 -10.83 -15.94 -4.08
N LEU B 135 -11.84 -16.77 -3.82
CA LEU B 135 -12.83 -16.46 -2.74
C LEU B 135 -12.11 -16.55 -1.40
N GLN B 136 -11.29 -17.56 -1.20
CA GLN B 136 -10.49 -17.70 0.04
C GLN B 136 -9.64 -16.44 0.24
N ALA B 137 -8.95 -15.99 -0.79
CA ALA B 137 -8.10 -14.79 -0.69
C ALA B 137 -8.93 -13.60 -0.21
N LEU B 139 -11.85 -13.50 1.40
CA LEU B 139 -12.40 -13.67 2.77
C LEU B 139 -11.25 -13.56 3.77
N ASP B 140 -10.08 -14.15 3.48
CA ASP B 140 -8.87 -14.07 4.34
C ASP B 140 -8.45 -12.61 4.58
N LYS B 141 -8.58 -11.75 3.58
CA LYS B 141 -8.19 -10.31 3.66
C LYS B 141 -9.27 -9.52 4.42
N GLY B 142 -10.49 -10.05 4.61
CA GLY B 142 -11.50 -9.44 5.50
C GLY B 142 -12.78 -9.04 4.81
N ALA B 143 -13.10 -9.62 3.66
CA ALA B 143 -14.39 -9.38 2.99
C ALA B 143 -15.52 -9.78 3.94
N ASP B 144 -16.57 -8.98 3.99
CA ASP B 144 -17.81 -9.31 4.74
C ASP B 144 -18.41 -10.56 4.08
N ILE B 145 -18.37 -11.69 4.78
CA ILE B 145 -18.87 -12.96 4.21
C ILE B 145 -20.37 -12.88 3.89
N ASN B 146 -21.12 -11.98 4.52
CA ASN B 146 -22.57 -11.83 4.26
C ASN B 146 -22.86 -10.65 3.32
N ILE B 147 -21.89 -10.13 2.58
CA ILE B 147 -22.07 -8.96 1.68
C ILE B 147 -23.15 -9.33 0.65
N THR B 148 -23.99 -8.38 0.30
CA THR B 148 -25.11 -8.64 -0.63
C THR B 148 -24.91 -7.87 -1.91
N ASP B 149 -25.54 -8.36 -2.96
CA ASP B 149 -25.73 -7.57 -4.20
C ASP B 149 -26.90 -6.59 -4.05
N SER B 150 -27.19 -5.88 -5.12
CA SER B 150 -28.23 -4.83 -5.15
C SER B 150 -29.56 -5.37 -4.64
N LEU B 151 -29.86 -6.64 -4.97
CA LEU B 151 -31.15 -7.32 -4.65
C LEU B 151 -31.14 -8.03 -3.28
N GLY B 152 -30.02 -8.02 -2.55
CA GLY B 152 -29.96 -8.63 -1.22
C GLY B 152 -29.55 -10.09 -1.27
N ASN B 153 -29.09 -10.58 -2.41
CA ASN B 153 -28.55 -11.96 -2.52
C ASN B 153 -27.16 -11.98 -1.93
N THR B 154 -26.87 -12.98 -1.12
CA THR B 154 -25.53 -13.20 -0.57
C THR B 154 -24.68 -14.01 -1.55
N LEU B 155 -23.39 -14.14 -1.25
CA LEU B 155 -22.53 -15.05 -2.02
C LEU B 155 -23.09 -16.46 -1.91
N LEU B 156 -23.53 -16.83 -0.72
CA LEU B 156 -24.07 -18.20 -0.51
C LEU B 156 -25.24 -18.46 -1.46
N ILE B 157 -26.18 -17.53 -1.51
CA ILE B 157 -27.43 -17.69 -2.31
C ILE B 157 -27.06 -17.78 -3.79
N ASP B 158 -26.21 -16.87 -4.25
CA ASP B 158 -25.78 -16.85 -5.65
C ASP B 158 -24.96 -18.10 -5.97
N ALA B 159 -24.08 -18.56 -5.07
CA ALA B 159 -23.24 -19.77 -5.27
C ALA B 159 -24.13 -21.00 -5.40
N LEU B 160 -25.19 -21.07 -4.58
CA LEU B 160 -26.22 -22.15 -4.69
C LEU B 160 -26.90 -22.06 -6.05
N ASP B 161 -27.35 -20.86 -6.44
CA ASP B 161 -28.08 -20.61 -7.73
C ASP B 161 -27.19 -20.99 -8.92
N PHE B 162 -25.87 -20.81 -8.82
CA PHE B 162 -24.89 -21.07 -9.91
CA PHE B 162 -24.85 -21.05 -9.87
C PHE B 162 -24.46 -22.54 -9.88
N HIS B 163 -24.81 -23.25 -8.82
CA HIS B 163 -24.34 -24.64 -8.59
C HIS B 163 -22.83 -24.62 -8.41
N SER B 164 -22.27 -23.61 -7.75
CA SER B 164 -20.83 -23.58 -7.38
C SER B 164 -20.69 -24.21 -5.99
N TYR B 165 -20.79 -25.53 -5.89
CA TYR B 165 -21.05 -26.19 -4.58
C TYR B 165 -19.79 -26.10 -3.70
N ASP B 166 -18.61 -26.02 -4.32
CA ASP B 166 -17.36 -25.93 -3.51
C ASP B 166 -17.34 -24.57 -2.80
N HIS B 167 -17.78 -23.50 -3.46
CA HIS B 167 -17.88 -22.16 -2.84
C HIS B 167 -18.97 -22.18 -1.75
N VAL B 168 -20.04 -22.90 -2.01
CA VAL B 168 -21.12 -23.03 -0.98
C VAL B 168 -20.50 -23.60 0.29
N LEU B 169 -19.77 -24.71 0.19
CA LEU B 169 -19.21 -25.39 1.38
C LEU B 169 -18.21 -24.48 2.10
N LEU B 170 -17.33 -23.80 1.36
CA LEU B 170 -16.40 -22.82 1.96
C LEU B 170 -17.20 -21.77 2.74
N LEU B 171 -18.22 -21.17 2.15
CA LEU B 171 -18.95 -20.05 2.80
C LEU B 171 -19.61 -20.55 4.09
N LEU B 172 -20.15 -21.76 4.05
CA LEU B 172 -20.88 -22.34 5.22
C LEU B 172 -19.89 -22.62 6.34
N GLU B 173 -18.76 -23.23 6.02
CA GLU B 173 -17.82 -23.64 7.10
C GLU B 173 -17.22 -22.37 7.75
N ARG B 174 -17.20 -21.27 7.01
CA ARG B 174 -16.66 -19.95 7.45
C ARG B 174 -17.75 -19.11 8.12
N GLY B 175 -18.97 -19.62 8.21
CA GLY B 175 -20.05 -19.08 9.05
C GLY B 175 -20.98 -18.13 8.32
N ALA B 176 -21.03 -18.19 6.98
CA ALA B 176 -22.08 -17.47 6.21
C ALA B 176 -23.47 -17.78 6.81
N ASP B 177 -24.31 -16.75 6.89
CA ASP B 177 -25.69 -16.86 7.42
C ASP B 177 -26.56 -17.36 6.28
N PRO B 178 -27.07 -18.61 6.35
CA PRO B 178 -27.92 -19.13 5.29
C PRO B 178 -29.35 -18.57 5.28
N GLU B 179 -29.71 -17.80 6.30
CA GLU B 179 -31.09 -17.25 6.43
C GLU B 179 -31.23 -15.89 5.72
N ILE B 180 -30.14 -15.18 5.43
CA ILE B 180 -30.22 -13.84 4.76
C ILE B 180 -30.83 -14.03 3.38
#